data_1ARJ
#
_entry.id   1ARJ
#
_cell.length_a   1.000
_cell.length_b   1.000
_cell.length_c   1.000
_cell.angle_alpha   90.00
_cell.angle_beta   90.00
_cell.angle_gamma   90.00
#
_symmetry.space_group_name_H-M   'P 1'
#
loop_
_entity.id
_entity.type
_entity.pdbx_description
1 polymer 'TAR RNA'
2 non-polymer ARGININE
#
_entity_poly.entity_id   1
_entity_poly.type   'polyribonucleotide'
_entity_poly.pdbx_seq_one_letter_code
;GGCAGAUCUGAGCCUGGGAGCUCUCUGCC
;
_entity_poly.pdbx_strand_id   N
#
loop_
_chem_comp.id
_chem_comp.type
_chem_comp.name
_chem_comp.formula
A RNA linking ADENOSINE-5'-MONOPHOSPHATE 'C10 H14 N5 O7 P'
C RNA linking CYTIDINE-5'-MONOPHOSPHATE 'C9 H14 N3 O8 P'
G RNA linking GUANOSINE-5'-MONOPHOSPHATE 'C10 H14 N5 O8 P'
U RNA linking URIDINE-5'-MONOPHOSPHATE 'C9 H13 N2 O9 P'
#
# COMPACT_ATOMS: atom_id res chain seq x y z
N ARG B . -1.00 -3.74 -0.75
CA ARG B . -0.08 -2.60 -0.47
C ARG B . -0.68 -1.71 0.65
O ARG B . -1.87 -1.77 0.85
CB ARG B . 0.10 -1.76 -1.74
CG ARG B . 1.31 -0.82 -1.58
CD ARG B . 0.82 0.60 -1.33
NE ARG B . 1.94 1.40 -0.72
CZ ARG B . 1.79 1.97 0.43
NH1 ARG B . 1.11 1.41 1.37
NH2 ARG B . 2.35 3.11 0.65
OXT ARG B . 0.08 -0.99 1.28
H1 ARG B . -1.25 -4.21 0.14
H2 ARG B . -1.87 -3.37 -1.20
H3 ARG B . -0.54 -4.41 -1.39
HA ARG B . 0.87 -2.98 -0.14
HB2 ARG B . 0.27 -2.42 -2.58
HB3 ARG B . -0.79 -1.17 -1.92
HG2 ARG B . 1.90 -1.15 -0.74
HG3 ARG B . 1.91 -0.85 -2.48
HD2 ARG B . 0.53 1.04 -2.27
HD3 ARG B . -0.02 0.59 -0.66
HE ARG B . 2.78 1.49 -1.20
HH11 ARG B . 0.68 0.51 1.20
HH12 ARG B . 1.00 1.85 2.25
HH21 ARG B . 2.89 3.55 -0.07
HH22 ARG B . 2.25 3.56 1.54
N ARG B . -1.00 -2.28 -0.86
CA ARG B . -0.30 -1.68 0.31
C ARG B . -1.22 -0.66 1.00
O ARG B . -0.90 -0.26 2.10
CB ARG B . 0.99 -0.98 -0.14
CG ARG B . 0.66 0.22 -1.05
CD ARG B . 0.57 1.49 -0.20
NE ARG B . 1.94 1.95 0.18
CZ ARG B . 2.55 2.85 -0.52
NH1 ARG B . 2.47 2.82 -1.80
NH2 ARG B . 3.23 3.77 0.05
OXT ARG B . -2.22 -0.29 0.41
H1 ARG B . -1.75 -1.63 -1.18
H2 ARG B . -0.32 -2.42 -1.64
H3 ARG B . -1.42 -3.18 -0.59
HA ARG B . -0.05 -2.46 1.02
HB2 ARG B . 1.54 -0.64 0.73
HB3 ARG B . 1.61 -1.68 -0.69
HG2 ARG B . 1.45 0.33 -1.78
HG3 ARG B . -0.28 0.04 -1.54
HD2 ARG B . 0.06 2.26 -0.77
HD3 ARG B . -0.01 1.28 0.69
HE ARG B . 2.37 1.58 0.97
HH11 ARG B . 1.94 2.11 -2.25
HH12 ARG B . 2.94 3.50 -2.34
HH21 ARG B . 3.29 3.80 1.06
HH22 ARG B . 3.71 4.46 -0.48
N ARG B . -1.06 -3.56 -0.04
CA ARG B . -1.09 -2.41 0.92
C ARG B . -2.39 -2.45 1.73
O ARG B . -3.30 -3.18 1.34
CB ARG B . -1.00 -1.08 0.14
CG ARG B . 0.46 -0.61 0.07
CD ARG B . 0.57 0.80 0.63
NE ARG B . 2.01 1.22 0.64
CZ ARG B . 2.65 1.33 1.76
NH1 ARG B . 2.71 0.34 2.58
NH2 ARG B . 3.23 2.45 2.06
OXT ARG B . -2.47 -1.76 2.74
H1 ARG B . -2.03 -3.75 -0.37
H2 ARG B . -0.46 -3.32 -0.85
H3 ARG B . -0.70 -4.39 0.45
HA ARG B . -0.26 -2.49 1.60
HB2 ARG B . -1.39 -1.23 -0.86
HB3 ARG B . -1.60 -0.34 0.65
HG2 ARG B . 1.08 -1.28 0.65
HG3 ARG B . 0.79 -0.62 -0.96
HD2 ARG B . 0.00 1.48 0.01
HD3 ARG B . 0.18 0.82 1.64
HE ARG B . 2.46 1.42 -0.20
HH11 ARG B . 2.27 -0.52 2.35
HH12 ARG B . 3.21 0.43 3.44
HH21 ARG B . 3.18 3.22 1.42
HH22 ARG B . 3.73 2.54 2.93
N ARG B . -3.85 0.86 -2.57
CA ARG B . -2.58 0.31 -2.01
C ARG B . -2.62 0.42 -0.48
O ARG B . -3.12 1.42 0.01
CB ARG B . -1.39 1.11 -2.55
CG ARG B . -0.18 0.18 -2.80
CD ARG B . 0.53 -0.12 -1.48
NE ARG B . 0.87 1.15 -0.77
CZ ARG B . 0.92 1.19 0.52
NH1 ARG B . 0.01 0.62 1.23
NH2 ARG B . 1.89 1.81 1.10
OXT ARG B . -2.15 -0.49 0.18
H1 ARG B . -4.04 1.78 -2.13
H2 ARG B . -3.75 0.98 -3.61
H3 ARG B . -4.63 0.20 -2.38
HA ARG B . -2.48 -0.74 -2.29
HB2 ARG B . -1.66 1.60 -3.47
HB3 ARG B . -1.11 1.86 -1.82
HG2 ARG B . -0.53 -0.74 -3.23
HG3 ARG B . 0.50 0.66 -3.48
HD2 ARG B . -0.12 -0.72 -0.86
HD3 ARG B . 1.44 -0.67 -1.69
HE ARG B . 1.06 1.97 -1.28
HH11 ARG B . -0.76 0.15 0.79
HH12 ARG B . 0.05 0.65 2.23
HH21 ARG B . 2.59 2.26 0.56
HH22 ARG B . 1.92 1.84 2.10
N ARG B . -2.30 -0.07 -1.69
CA ARG B . -1.31 -0.59 -0.71
C ARG B . -2.06 -1.25 0.45
O ARG B . -1.82 -2.41 0.69
CB ARG B . -0.46 0.57 -0.16
CG ARG B . 0.86 0.66 -0.94
CD ARG B . 2.04 0.28 -0.04
NE ARG B . 2.33 1.41 0.90
CZ ARG B . 3.12 1.23 1.92
NH1 ARG B . 4.37 1.01 1.74
NH2 ARG B . 2.64 1.28 3.11
OXT ARG B . -2.88 -0.58 1.06
H1 ARG B . -3.07 0.41 -1.18
H2 ARG B . -1.83 0.60 -2.33
H3 ARG B . -2.68 -0.86 -2.24
HA ARG B . -0.67 -1.32 -1.18
HB2 ARG B . -1.01 1.49 -0.25
HB3 ARG B . -0.23 0.38 0.88
HG2 ARG B . 0.82 -0.01 -1.79
HG3 ARG B . 0.99 1.68 -1.30
HD2 ARG B . 1.79 -0.61 0.51
HD3 ARG B . 2.90 0.10 -0.66
HE ARG B . 1.93 2.29 0.76
HH11 ARG B . 4.75 0.98 0.81
HH12 ARG B . 4.99 0.89 2.52
HH21 ARG B . 1.66 1.45 3.25
HH22 ARG B . 3.25 1.15 3.90
N ARG B . -0.12 -3.57 1.73
CA ARG B . 0.44 -2.18 1.62
C ARG B . -0.69 -1.18 1.37
O ARG B . -1.64 -1.54 0.68
CB ARG B . 1.45 -2.12 0.46
CG ARG B . 2.09 -0.74 0.38
CD ARG B . 1.34 0.12 -0.65
NE ARG B . 1.74 1.55 -0.52
CZ ARG B . 2.00 2.08 0.64
NH1 ARG B . 1.18 1.92 1.61
NH2 ARG B . 3.08 2.77 0.81
OXT ARG B . -0.60 -0.07 1.87
H1 ARG B . -1.12 -3.54 1.47
H2 ARG B . 0.38 -4.20 1.09
H3 ARG B . -0.02 -3.90 2.71
HA ARG B . 0.95 -1.93 2.54
HB2 ARG B . 2.22 -2.87 0.62
HB3 ARG B . 0.95 -2.34 -0.47
HG2 ARG B . 2.03 -0.26 1.36
HG3 ARG B . 3.12 -0.83 0.09
HD2 ARG B . 1.56 -0.24 -1.65
HD3 ARG B . 0.26 0.03 -0.47
HE ARG B . 1.81 2.11 -1.32
HH11 ARG B . 0.34 1.38 1.48
HH12 ARG B . 1.36 2.34 2.50
HH21 ARG B . 3.73 2.88 0.05
HH22 ARG B . 3.27 3.18 1.69
N ARG B . -3.00 -3.76 0.83
CA ARG B . -1.85 -2.80 0.87
C ARG B . -1.44 -2.57 2.33
O ARG B . -0.27 -2.40 2.57
CB ARG B . -2.26 -1.46 0.23
CG ARG B . -1.09 -0.91 -0.59
CD ARG B . -0.93 0.59 -0.33
NE ARG B . 0.37 0.85 0.36
CZ ARG B . 0.40 1.10 1.63
NH1 ARG B . 0.34 0.14 2.48
NH2 ARG B . 0.52 2.32 2.04
OXT ARG B . -2.33 -2.56 3.18
H1 ARG B . -3.62 -3.59 1.64
H2 ARG B . -3.54 -3.62 -0.06
H3 ARG B . -2.64 -4.73 0.86
HA ARG B . -1.01 -3.22 0.33
HB2 ARG B . -3.11 -1.61 -0.41
HB3 ARG B . -2.52 -0.75 1.01
HG2 ARG B . -0.18 -1.42 -0.32
HG3 ARG B . -1.29 -1.07 -1.65
HD2 ARG B . -0.95 1.12 -1.27
HD3 ARG B . -1.74 0.93 0.29
HE ARG B . 1.21 0.81 -0.15
HH11 ARG B . 0.26 -0.81 2.17
HH12 ARG B . 0.34 0.34 3.46
HH21 ARG B . 0.58 3.06 1.38
HH22 ARG B . 0.53 2.52 3.01
N ARG B . -4.52 -0.07 -1.20
CA ARG B . -3.12 -0.06 -0.69
C ARG B . -3.13 0.39 0.78
O ARG B . -3.15 -0.47 1.64
CB ARG B . -2.25 0.88 -1.54
CG ARG B . -0.76 0.58 -1.27
CD ARG B . -0.35 1.25 0.05
NE ARG B . 1.15 1.29 0.14
CZ ARG B . 1.84 2.03 -0.69
NH1 ARG B . 2.08 1.61 -1.88
NH2 ARG B . 2.29 3.18 -0.29
OXT ARG B . -3.13 1.59 1.03
H1 ARG B . -5.15 0.39 -0.49
H2 ARG B . -4.58 0.45 -2.09
H3 ARG B . -4.84 -1.04 -1.35
HA ARG B . -2.73 -1.07 -0.74
HB2 ARG B . -2.47 0.71 -2.59
HB3 ARG B . -2.47 1.90 -1.28
HG2 ARG B . -0.61 -0.48 -1.20
HG3 ARG B . -0.17 0.99 -2.08
HD2 ARG B . -0.74 2.26 0.09
HD3 ARG B . -0.74 0.68 0.88
HE ARG B . 1.62 0.77 0.81
HH11 ARG B . 1.72 0.71 -2.16
HH12 ARG B . 2.60 2.16 -2.52
HH21 ARG B . 2.10 3.49 0.64
HH22 ARG B . 2.82 3.75 -0.92
N ARG B . -3.99 0.06 -0.86
CA ARG B . -2.92 -0.18 0.15
C ARG B . -2.95 0.94 1.21
O ARG B . -2.35 0.76 2.25
CB ARG B . -1.54 -0.23 -0.54
CG ARG B . -1.02 1.19 -0.82
CD ARG B . 0.50 1.24 -0.60
NE ARG B . 0.81 2.26 0.45
CZ ARG B . 1.09 1.90 1.66
NH1 ARG B . 0.15 1.48 2.44
NH2 ARG B . 2.30 1.97 2.09
OXT ARG B . -3.57 1.95 0.95
H1 ARG B . -4.55 0.89 -0.59
H2 ARG B . -3.55 0.22 -1.79
H3 ARG B . -4.61 -0.78 -0.91
HA ARG B . -3.10 -1.13 0.64
HB2 ARG B . -0.84 -0.75 0.10
HB3 ARG B . -1.62 -0.77 -1.47
HG2 ARG B . -1.24 1.46 -1.84
HG3 ARG B . -1.49 1.89 -0.15
HD2 ARG B . 0.84 0.26 -0.27
HD3 ARG B . 0.99 1.50 -1.53
HE ARG B . 0.81 3.22 0.23
HH11 ARG B . -0.80 1.44 2.09
HH12 ARG B . 0.36 1.19 3.36
HH21 ARG B . 3.02 2.32 1.49
HH22 ARG B . 2.52 1.69 3.02
N ARG B . -2.93 -0.90 -1.74
CA ARG B . -1.67 -0.48 -1.05
C ARG B . -1.89 -0.51 0.46
O ARG B . -2.87 0.07 0.91
CB ARG B . -1.28 0.94 -1.49
CG ARG B . 0.22 1.18 -1.24
CD ARG B . 0.43 2.63 -0.80
NE ARG B . 0.93 2.68 0.61
CZ ARG B . 0.60 1.77 1.46
NH1 ARG B . -0.63 1.61 1.80
NH2 ARG B . 1.50 1.01 1.96
OXT ARG B . -1.08 -1.12 1.16
H1 ARG B . -3.72 -0.35 -1.35
H2 ARG B . -2.84 -0.72 -2.76
H3 ARG B . -3.08 -1.91 -1.58
HA ARG B . -0.87 -1.18 -1.31
HB2 ARG B . -1.48 1.04 -2.56
HB3 ARG B . -1.86 1.65 -0.95
HG2 ARG B . 0.56 0.50 -0.47
HG3 ARG B . 0.77 0.99 -2.15
HD2 ARG B . 1.15 3.09 -1.46
HD3 ARG B . -0.51 3.16 -0.89
HE ARG B . 1.50 3.43 0.90
HH11 ARG B . -1.33 2.21 1.42
HH12 ARG B . -0.89 0.88 2.42
HH21 ARG B . 2.46 1.13 1.71
HH22 ARG B . 1.25 0.29 2.60
N ARG B . -0.12 -3.40 0.12
CA ARG B . 0.53 -2.05 0.07
C ARG B . 0.21 -1.30 1.37
O ARG B . -0.97 -1.25 1.73
CB ARG B . 0.00 -1.26 -1.13
CG ARG B . 0.96 -0.10 -1.44
CD ARG B . 0.59 1.12 -0.57
NE ARG B . 1.64 1.30 0.49
CZ ARG B . 2.35 2.37 0.53
NH1 ARG B . 2.90 2.83 -0.54
NH2 ARG B . 2.53 2.97 1.66
OXT ARG B . 1.13 -0.81 1.98
H1 ARG B . -1.05 -3.32 0.57
H2 ARG B . -0.24 -3.75 -0.85
H3 ARG B . 0.48 -4.05 0.66
HA ARG B . 1.59 -2.18 -0.01
HB2 ARG B . -0.06 -1.91 -1.99
HB3 ARG B . -0.98 -0.87 -0.91
HG2 ARG B . 1.97 -0.39 -1.23
HG3 ARG B . 0.86 0.18 -2.48
HD2 ARG B . 0.53 2.00 -1.18
HD3 ARG B . -0.37 0.94 -0.10
HE ARG B . 1.78 0.60 1.17
HH11 ARG B . 2.77 2.36 -1.40
HH12 ARG B . 3.46 3.66 -0.50
HH21 ARG B . 2.11 2.59 2.49
HH22 ARG B . 3.07 3.80 1.70
N ARG B . -4.17 -2.41 -1.56
CA ARG B . -2.83 -1.80 -1.27
C ARG B . -2.62 -1.74 0.25
O ARG B . -3.56 -1.42 0.96
CB ARG B . -2.76 -0.38 -1.87
CG ARG B . -1.34 0.19 -1.70
CD ARG B . -1.25 0.93 -0.36
NE ARG B . 0.19 1.00 0.04
CZ ARG B . 0.55 0.70 1.25
NH1 ARG B . 0.17 -0.42 1.78
NH2 ARG B . 1.28 1.51 1.92
OXT ARG B . -1.51 -2.01 0.69
H1 ARG B . -4.68 -2.56 -0.66
H2 ARG B . -4.71 -1.77 -2.16
H3 ARG B . -4.04 -3.32 -2.04
HA ARG B . -2.06 -2.42 -1.71
HB2 ARG B . -3.01 -0.43 -2.92
HB3 ARG B . -3.47 0.25 -1.35
HG2 ARG B . -0.62 -0.61 -1.74
HG3 ARG B . -1.15 0.89 -2.50
HD2 ARG B . -1.65 1.92 -0.47
HD3 ARG B . -1.82 0.39 0.39
HE ARG B . 0.88 1.27 -0.61
HH11 ARG B . -0.40 -1.06 1.24
HH12 ARG B . 0.42 -0.64 2.71
HH21 ARG B . 1.58 2.37 1.52
HH22 ARG B . 1.55 1.28 2.86
N ARG B . -1.87 -3.49 -0.93
CA ARG B . -0.79 -2.56 -0.51
C ARG B . -0.98 -2.19 0.96
O ARG B . -2.06 -1.71 1.30
CB ARG B . -0.83 -1.30 -1.39
CG ARG B . 0.38 -0.40 -1.06
CD ARG B . -0.06 0.74 -0.15
NE ARG B . 1.00 1.00 0.86
CZ ARG B . 0.70 1.06 2.12
NH1 ARG B . 0.42 -0.01 2.76
NH2 ARG B . 0.68 2.19 2.72
OXT ARG B . -0.07 -2.38 1.74
H1 ARG B . -2.78 -3.15 -0.56
H2 ARG B . -1.91 -3.54 -1.96
H3 ARG B . -1.67 -4.44 -0.55
HA ARG B . 0.18 -3.04 -0.63
HB2 ARG B . -0.80 -1.57 -2.42
HB3 ARG B . -1.74 -0.75 -1.18
HG2 ARG B . 1.12 -0.99 -0.55
HG3 ARG B . 0.78 0.00 -1.97
HD2 ARG B . -0.23 1.63 -0.75
HD3 ARG B . -0.99 0.47 0.35
HE ARG B . 1.92 1.14 0.58
HH11 ARG B . 0.43 -0.91 2.29
HH12 ARG B . 0.15 0.02 3.72
HH21 ARG B . 0.91 3.03 2.22
HH22 ARG B . 0.45 2.24 3.69
N ARG B . 0.35 -4.20 0.95
CA ARG B . 0.99 -2.85 0.97
C ARG B . 0.12 -1.88 1.78
O ARG B . 0.60 -1.41 2.79
CB ARG B . 1.14 -2.34 -0.47
CG ARG B . 1.87 -0.98 -0.47
CD ARG B . 0.88 0.13 -0.79
NE ARG B . 1.28 1.37 -0.05
CZ ARG B . 1.16 1.43 1.23
NH1 ARG B . 0.06 1.08 1.81
NH2 ARG B . 2.15 1.85 1.95
OXT ARG B . -1.01 -1.66 1.39
H1 ARG B . 0.21 -4.52 1.93
H2 ARG B . -0.58 -4.13 0.48
H3 ARG B . 0.95 -4.87 0.45
HA ARG B . 1.97 -2.93 1.42
HB2 ARG B . 1.71 -3.05 -1.06
HB3 ARG B . 0.16 -2.22 -0.91
HG2 ARG B . 2.30 -0.81 0.51
HG3 ARG B . 2.66 -1.00 -1.21
HD2 ARG B . 0.88 0.33 -1.85
HD3 ARG B . -0.12 -0.16 -0.49
HE ARG B . 1.62 2.15 -0.54
HH11 ARG B . -0.71 0.76 1.26
HH12 ARG B . -0.02 1.10 2.80
HH21 ARG B . 3.00 2.11 1.51
HH22 ARG B . 2.06 1.89 2.94
N ARG B . -0.19 -3.98 0.41
CA ARG B . 0.44 -2.63 0.41
C ARG B . -0.26 -1.76 1.47
O ARG B . -1.38 -1.35 1.24
CB ARG B . 0.30 -1.99 -0.99
CG ARG B . 1.12 -0.70 -1.05
CD ARG B . 0.18 0.51 -1.03
NE ARG B . 0.82 1.62 -0.24
CZ ARG B . 0.94 1.53 1.05
NH1 ARG B . -0.02 1.08 1.75
NH2 ARG B . 2.04 1.90 1.62
OXT ARG B . 0.35 -1.53 2.49
H1 ARG B . -0.15 -4.38 1.37
H2 ARG B . -1.19 -3.89 0.12
H3 ARG B . 0.30 -4.60 -0.26
HA ARG B . 1.49 -2.73 0.66
HB2 ARG B . 0.65 -2.68 -1.73
HB3 ARG B . -0.74 -1.77 -1.17
HG2 ARG B . 1.79 -0.65 -0.19
HG3 ARG B . 1.71 -0.69 -1.95
HD2 ARG B . 0.01 0.85 -2.04
HD3 ARG B . -0.75 0.24 -0.57
HE ARG B . 1.15 2.42 -0.70
HH11 ARG B . -0.88 0.80 1.32
HH12 ARG B . 0.08 0.98 2.74
HH21 ARG B . 2.80 2.26 1.07
HH22 ARG B . 2.14 1.83 2.61
N ARG B . -1.42 -1.07 1.30
CA ARG B . -1.85 -2.00 0.21
C ARG B . -2.06 -3.38 0.83
O ARG B . -1.08 -3.99 1.23
CB ARG B . -0.75 -2.09 -0.89
CG ARG B . -0.19 -0.70 -1.20
CD ARG B . 0.57 -0.75 -2.51
NE ARG B . 1.58 0.36 -2.55
CZ ARG B . 2.84 0.11 -2.63
NH1 ARG B . 3.45 -0.48 -1.66
NH2 ARG B . 3.48 0.47 -3.69
OXT ARG B . -3.20 -3.80 0.91
H1 ARG B . -2.14 -1.08 2.05
H2 ARG B . -0.51 -1.39 1.69
H3 ARG B . -1.32 -0.10 0.93
HA ARG B . -2.78 -1.65 -0.23
HB2 ARG B . 0.04 -2.73 -0.54
HB3 ARG B . -1.19 -2.51 -1.78
HG2 ARG B . -1.00 0.02 -1.28
HG3 ARG B . 0.48 -0.40 -0.41
HD2 ARG B . 1.09 -1.69 -2.60
HD3 ARG B . -0.11 -0.63 -3.34
HE ARG B . 1.27 1.30 -2.50
HH11 ARG B . 2.95 -0.75 -0.85
HH12 ARG B . 4.43 -0.68 -1.74
HH21 ARG B . 3.01 0.93 -4.43
HH22 ARG B . 4.45 0.28 -3.77
N ARG B . -0.53 -2.72 0.36
CA ARG B . 0.33 -1.53 0.11
C ARG B . 0.60 -0.81 1.44
O ARG B . 1.75 -0.60 1.75
CB ARG B . -0.36 -0.57 -0.86
CG ARG B . 0.61 0.56 -1.25
CD ARG B . 0.08 1.91 -0.76
NE ARG B . 1.16 2.62 0.00
CZ ARG B . 1.39 2.33 1.25
NH1 ARG B . 0.41 2.19 2.06
NH2 ARG B . 2.60 2.23 1.67
OXT ARG B . -0.37 -0.48 2.11
H1 ARG B . -1.40 -2.42 0.84
H2 ARG B . -0.76 -3.17 -0.54
H3 ARG B . -0.02 -3.38 0.97
HA ARG B . 1.28 -1.84 -0.32
HB2 ARG B . -0.67 -1.10 -1.75
HB3 ARG B . -1.23 -0.13 -0.39
HG2 ARG B . 1.57 0.37 -0.81
HG3 ARG B . 0.71 0.59 -2.33
HD2 ARG B . -0.22 2.51 -1.61
HD3 ARG B . -0.78 1.75 -0.12
HE ARG B . 1.70 3.29 -0.45
HH11 ARG B . -0.52 2.28 1.74
HH12 ARG B . 0.59 1.94 3.02
HH21 ARG B . 3.36 2.38 1.04
HH22 ARG B . 2.78 2.00 2.62
N ARG B . -2.05 -0.91 -0.11
CA ARG B . -0.72 -0.25 0.08
C ARG B . -0.78 0.67 1.31
O ARG B . 0.23 0.77 1.99
CB ARG B . -0.39 0.59 -1.17
CG ARG B . 1.03 0.28 -1.65
CD ARG B . 2.05 0.63 -0.55
NE ARG B . 2.01 2.11 -0.30
CZ ARG B . 2.64 2.62 0.71
NH1 ARG B . 2.22 2.40 1.91
NH2 ARG B . 3.68 3.36 0.51
OXT ARG B . -1.82 1.25 1.55
H1 ARG B . -2.80 -0.22 0.07
H2 ARG B . -2.13 -1.27 -1.07
H3 ARG B . -2.13 -1.69 0.57
HA ARG B . 0.04 -1.00 0.23
HB2 ARG B . -1.09 0.36 -1.95
HB3 ARG B . -0.46 1.64 -0.92
HG2 ARG B . 1.11 -0.77 -1.88
HG3 ARG B . 1.25 0.86 -2.53
HD2 ARG B . 1.80 0.10 0.36
HD3 ARG B . 3.04 0.34 -0.87
HE ARG B . 1.49 2.69 -0.89
HH11 ARG B . 1.41 1.82 2.06
HH12 ARG B . 2.69 2.81 2.69
HH21 ARG B . 3.99 3.54 -0.42
HH22 ARG B . 4.16 3.76 1.28
N ARG B . -3.60 -1.24 -1.29
CA ARG B . -2.14 -1.04 -1.04
C ARG B . -1.85 -1.15 0.47
O ARG B . -0.82 -1.69 0.81
CB ARG B . -1.73 0.35 -1.55
CG ARG B . -0.23 0.56 -1.34
CD ARG B . 0.03 1.21 0.02
NE ARG B . 1.46 1.05 0.38
CZ ARG B . 1.81 0.63 1.55
NH1 ARG B . 1.30 -0.46 2.01
NH2 ARG B . 2.64 1.32 2.26
OXT ARG B . -2.68 -0.69 1.24
H1 ARG B . -4.12 -1.17 -0.38
H2 ARG B . -3.95 -0.52 -1.95
H3 ARG B . -3.75 -2.18 -1.70
HA ARG B . -1.57 -1.80 -1.57
HB2 ARG B . -1.95 0.44 -2.60
HB3 ARG B . -2.27 1.11 -1.00
HG2 ARG B . 0.28 -0.40 -1.37
HG3 ARG B . 0.17 1.19 -2.12
HD2 ARG B . -0.22 2.26 -0.04
HD3 ARG B . -0.59 0.74 0.77
HE ARG B . 2.16 1.25 -0.28
HH11 ARG B . 0.64 -0.99 1.46
HH12 ARG B . 1.56 -0.79 2.92
HH21 ARG B . 3.01 2.17 1.90
HH22 ARG B . 2.90 1.01 3.17
N ARG B . -2.62 -2.28 -3.32
CA ARG B . -2.30 -1.32 -2.22
C ARG B . -3.48 -0.36 -1.99
O ARG B . -3.95 0.22 -2.96
CB ARG B . -1.04 -0.53 -2.58
CG ARG B . -0.38 0.01 -1.31
CD ARG B . -0.36 1.54 -1.37
NE ARG B . 0.79 2.06 -0.56
CZ ARG B . 0.84 1.90 0.73
NH1 ARG B . -0.27 1.79 1.44
NH2 ARG B . 1.99 1.87 1.35
OXT ARG B . -3.87 -0.21 -0.85
H1 ARG B . -3.56 -2.69 -3.15
H2 ARG B . -2.61 -1.77 -4.22
H3 ARG B . -1.91 -3.04 -3.35
HA ARG B . -2.11 -1.88 -1.30
HB2 ARG B . -0.34 -1.18 -3.09
HB3 ARG B . -1.30 0.29 -3.23
HG2 ARG B . -0.95 -0.30 -0.45
HG3 ARG B . 0.62 -0.35 -1.23
HD2 ARG B . -0.26 1.87 -2.38
HD3 ARG B . -1.28 1.94 -0.96
HE ARG B . 1.52 2.53 -1.03
HH11 ARG B . -1.16 1.82 0.98
HH12 ARG B . -0.22 1.66 2.42
HH21 ARG B . 2.84 1.97 0.82
HH22 ARG B . 2.04 1.75 2.34
#